data_5W54
#
_entry.id   5W54
#
_entity_poly.entity_id   1
_entity_poly.type   'polypeptide(L)'
_entity_poly.pdbx_seq_one_letter_code
;FGVKDGKCPSGRVRRLGICVPDDDY
;
_entity_poly.pdbx_strand_id   A
#
# COMPACT_ATOMS: atom_id res chain seq x y z
N PHE A 1 -17.19 -5.81 1.44
CA PHE A 1 -15.79 -5.74 1.91
C PHE A 1 -15.48 -6.88 2.89
N GLY A 2 -14.23 -7.35 2.87
CA GLY A 2 -13.80 -8.43 3.75
C GLY A 2 -12.89 -7.96 4.87
N VAL A 3 -11.95 -7.08 4.53
CA VAL A 3 -11.01 -6.53 5.50
C VAL A 3 -10.70 -5.06 5.21
N LYS A 4 -11.06 -4.19 6.17
CA LYS A 4 -10.84 -2.75 6.05
C LYS A 4 -9.37 -2.38 6.26
N ASP A 5 -8.74 -3.03 7.26
CA ASP A 5 -7.35 -2.80 7.57
C ASP A 5 -6.49 -4.00 7.19
N GLY A 6 -5.75 -3.87 6.08
CA GLY A 6 -4.89 -4.93 5.61
C GLY A 6 -3.44 -4.51 5.52
N LYS A 7 -2.95 -4.30 4.30
CA LYS A 7 -1.57 -3.88 4.07
C LYS A 7 -1.53 -2.65 3.15
N CYS A 8 -2.01 -2.80 1.91
CA CYS A 8 -2.05 -1.74 0.94
C CYS A 8 -3.47 -1.57 0.36
N PRO A 9 -3.82 -0.37 -0.23
CA PRO A 9 -5.16 -0.14 -0.81
C PRO A 9 -5.35 -0.79 -2.19
N SER A 10 -4.64 -1.92 -2.43
CA SER A 10 -4.70 -2.68 -3.70
C SER A 10 -4.16 -1.87 -4.88
N GLY A 11 -2.93 -2.19 -5.29
CA GLY A 11 -2.29 -1.50 -6.41
C GLY A 11 -1.36 -0.38 -5.97
N ARG A 12 -0.48 -0.69 -5.02
CA ARG A 12 0.48 0.28 -4.49
C ARG A 12 1.90 -0.31 -4.48
N VAL A 13 2.90 0.59 -4.42
CA VAL A 13 4.31 0.20 -4.40
C VAL A 13 4.81 0.06 -2.94
N ARG A 14 5.46 -1.07 -2.65
CA ARG A 14 5.99 -1.33 -1.31
C ARG A 14 7.47 -0.97 -1.23
N ARG A 15 7.86 -0.40 -0.07
CA ARG A 15 9.24 0.01 0.19
C ARG A 15 9.56 -0.13 1.68
N LEU A 16 10.67 -0.82 2.00
CA LEU A 16 11.14 -1.06 3.38
C LEU A 16 10.18 -1.94 4.20
N GLY A 17 9.11 -2.44 3.55
CA GLY A 17 8.14 -3.30 4.23
C GLY A 17 6.74 -2.70 4.29
N ILE A 18 6.61 -1.43 3.90
CA ILE A 18 5.30 -0.74 3.91
C ILE A 18 5.15 0.19 2.72
N CYS A 19 3.95 0.17 2.12
CA CYS A 19 3.63 1.00 0.95
C CYS A 19 3.07 2.35 1.36
N VAL A 20 3.28 3.35 0.51
CA VAL A 20 2.81 4.73 0.77
C VAL A 20 2.39 5.43 -0.54
N PRO A 21 1.52 6.48 -0.49
CA PRO A 21 1.08 7.21 -1.70
C PRO A 21 2.13 8.19 -2.21
N ASP A 22 2.22 8.30 -3.55
CA ASP A 22 3.18 9.20 -4.19
C ASP A 22 2.49 10.36 -4.89
N ASP A 23 1.42 10.07 -5.64
CA ASP A 23 0.66 11.09 -6.38
C ASP A 23 -0.52 11.64 -5.55
N ASP A 24 -1.04 10.82 -4.64
CA ASP A 24 -2.17 11.21 -3.79
C ASP A 24 -1.71 11.94 -2.53
N TYR A 25 -0.63 11.45 -1.91
CA TYR A 25 -0.08 12.06 -0.70
C TYR A 25 1.42 12.33 -0.86
N PHE A 1 -15.31 -10.87 7.07
CA PHE A 1 -15.13 -10.13 8.35
C PHE A 1 -13.65 -9.75 8.53
N GLY A 2 -13.42 -8.49 8.95
CA GLY A 2 -12.07 -8.00 9.16
C GLY A 2 -11.75 -6.80 8.31
N VAL A 3 -10.54 -6.79 7.73
CA VAL A 3 -10.09 -5.69 6.87
C VAL A 3 -9.21 -6.21 5.75
N LYS A 4 -9.66 -6.00 4.51
CA LYS A 4 -8.92 -6.43 3.30
C LYS A 4 -7.76 -5.48 2.98
N ASP A 5 -8.05 -4.18 3.01
CA ASP A 5 -7.05 -3.15 2.74
C ASP A 5 -6.91 -2.22 3.94
N GLY A 6 -5.75 -2.29 4.61
CA GLY A 6 -5.48 -1.47 5.78
C GLY A 6 -4.66 -0.23 5.46
N LYS A 7 -3.45 -0.45 4.92
CA LYS A 7 -2.55 0.64 4.57
C LYS A 7 -2.72 1.09 3.12
N CYS A 8 -2.70 0.12 2.19
CA CYS A 8 -2.85 0.42 0.75
C CYS A 8 -3.87 -0.53 0.09
N PRO A 9 -4.47 -0.15 -1.10
CA PRO A 9 -5.46 -0.99 -1.79
C PRO A 9 -4.82 -2.12 -2.64
N SER A 10 -3.65 -2.62 -2.16
CA SER A 10 -2.88 -3.71 -2.82
C SER A 10 -2.18 -3.25 -4.10
N GLY A 11 -2.88 -2.43 -4.90
CA GLY A 11 -2.31 -1.92 -6.15
C GLY A 11 -1.50 -0.64 -5.96
N ARG A 12 -0.58 -0.68 -4.99
CA ARG A 12 0.28 0.46 -4.67
C ARG A 12 1.75 0.01 -4.62
N VAL A 13 2.67 0.97 -4.38
CA VAL A 13 4.10 0.68 -4.32
C VAL A 13 4.54 0.31 -2.89
N ARG A 14 5.38 -0.72 -2.79
CA ARG A 14 5.88 -1.18 -1.49
C ARG A 14 7.39 -0.97 -1.40
N ARG A 15 7.83 -0.43 -0.26
CA ARG A 15 9.24 -0.15 0.01
C ARG A 15 9.58 -0.44 1.47
N LEU A 16 10.63 -1.25 1.70
CA LEU A 16 11.10 -1.64 3.06
C LEU A 16 10.06 -2.46 3.85
N GLY A 17 8.96 -2.84 3.19
CA GLY A 17 7.92 -3.63 3.83
C GLY A 17 6.67 -2.81 4.18
N ILE A 18 6.63 -1.55 3.73
CA ILE A 18 5.48 -0.67 4.00
C ILE A 18 5.17 0.21 2.79
N CYS A 19 3.89 0.24 2.42
CA CYS A 19 3.42 1.03 1.28
C CYS A 19 3.03 2.45 1.71
N VAL A 20 3.22 3.41 0.79
CA VAL A 20 2.90 4.82 1.04
C VAL A 20 2.31 5.50 -0.20
N PRO A 21 1.58 6.66 -0.05
CA PRO A 21 0.98 7.38 -1.20
C PRO A 21 2.02 8.10 -2.07
N ASP A 22 1.66 8.36 -3.33
CA ASP A 22 2.54 9.04 -4.27
C ASP A 22 1.83 10.22 -4.92
N ASP A 23 2.29 11.44 -4.61
CA ASP A 23 1.70 12.66 -5.15
C ASP A 23 2.71 13.44 -6.01
N ASP A 24 3.95 13.53 -5.51
CA ASP A 24 5.03 14.23 -6.20
C ASP A 24 5.86 13.29 -7.07
N TYR A 25 6.18 12.10 -6.53
CA TYR A 25 6.96 11.09 -7.24
C TYR A 25 6.11 9.87 -7.58
N PHE A 1 -15.03 -4.89 0.10
CA PHE A 1 -13.77 -4.49 0.80
C PHE A 1 -13.02 -5.70 1.31
N GLY A 2 -11.68 -5.66 1.20
CA GLY A 2 -10.84 -6.74 1.66
C GLY A 2 -9.48 -6.29 2.13
N VAL A 3 -9.41 -5.83 3.39
CA VAL A 3 -8.16 -5.35 3.99
C VAL A 3 -8.06 -5.76 5.46
N LYS A 4 -7.10 -6.65 5.75
CA LYS A 4 -6.88 -7.14 7.10
C LYS A 4 -5.79 -6.34 7.83
N ASP A 5 -4.80 -5.84 7.07
CA ASP A 5 -3.71 -5.05 7.64
C ASP A 5 -4.05 -3.54 7.68
N GLY A 6 -4.51 -3.02 6.53
CA GLY A 6 -4.88 -1.61 6.44
C GLY A 6 -3.72 -0.71 6.04
N LYS A 7 -2.86 -1.20 5.14
CA LYS A 7 -1.71 -0.44 4.66
C LYS A 7 -1.99 0.18 3.29
N CYS A 8 -2.41 -0.66 2.33
CA CYS A 8 -2.72 -0.20 0.97
C CYS A 8 -3.91 -1.00 0.40
N PRO A 9 -4.89 -0.33 -0.30
CA PRO A 9 -6.04 -1.03 -0.90
C PRO A 9 -5.71 -1.71 -2.24
N SER A 10 -4.51 -2.33 -2.30
CA SER A 10 -4.01 -3.03 -3.51
C SER A 10 -3.74 -2.05 -4.66
N GLY A 11 -2.47 -1.74 -4.87
CA GLY A 11 -2.05 -0.82 -5.92
C GLY A 11 -0.79 -0.04 -5.58
N ARG A 12 -0.58 0.20 -4.27
CA ARG A 12 0.59 0.93 -3.80
C ARG A 12 1.74 -0.02 -3.45
N VAL A 13 2.94 0.32 -3.93
CA VAL A 13 4.13 -0.48 -3.66
C VAL A 13 5.30 0.42 -3.26
N ARG A 14 5.83 0.18 -2.06
CA ARG A 14 6.96 0.94 -1.55
C ARG A 14 8.03 0.00 -0.96
N ARG A 15 9.10 0.59 -0.44
CA ARG A 15 10.24 -0.15 0.13
C ARG A 15 10.09 -0.36 1.64
N LEU A 16 11.05 -1.10 2.24
CA LEU A 16 11.08 -1.43 3.69
C LEU A 16 10.00 -2.44 4.09
N GLY A 17 9.01 -2.62 3.21
CA GLY A 17 7.93 -3.56 3.47
C GLY A 17 6.56 -2.90 3.55
N ILE A 18 6.57 -1.56 3.65
CA ILE A 18 5.32 -0.79 3.72
C ILE A 18 4.91 -0.26 2.35
N CYS A 19 3.60 -0.26 2.09
CA CYS A 19 3.05 0.22 0.83
C CYS A 19 2.26 1.50 1.02
N VAL A 20 2.67 2.55 0.29
CA VAL A 20 2.02 3.87 0.36
C VAL A 20 2.17 4.63 -0.97
N PRO A 21 1.29 5.64 -1.28
CA PRO A 21 1.37 6.42 -2.53
C PRO A 21 2.53 7.43 -2.53
N ASP A 22 3.06 7.69 -3.72
CA ASP A 22 4.18 8.63 -3.88
C ASP A 22 3.88 9.66 -4.98
N ASP A 23 3.51 9.18 -6.17
CA ASP A 23 3.21 10.05 -7.31
C ASP A 23 1.70 10.17 -7.55
N ASP A 24 0.92 9.28 -6.92
CA ASP A 24 -0.54 9.27 -7.05
C ASP A 24 -1.21 10.20 -6.02
N TYR A 25 -0.79 10.08 -4.76
CA TYR A 25 -1.34 10.90 -3.67
C TYR A 25 -0.23 11.42 -2.77
N PHE A 1 2.00 -11.46 -11.44
CA PHE A 1 1.80 -10.08 -10.94
C PHE A 1 0.32 -9.71 -10.90
N GLY A 2 -0.07 -8.99 -9.85
CA GLY A 2 -1.46 -8.58 -9.68
C GLY A 2 -1.88 -8.53 -8.22
N VAL A 3 -2.79 -9.45 -7.85
CA VAL A 3 -3.29 -9.53 -6.48
C VAL A 3 -3.50 -10.99 -6.05
N LYS A 4 -2.68 -11.43 -5.09
CA LYS A 4 -2.76 -12.80 -4.57
C LYS A 4 -3.50 -12.85 -3.23
N ASP A 5 -3.17 -11.92 -2.33
CA ASP A 5 -3.78 -11.85 -1.01
C ASP A 5 -4.31 -10.43 -0.73
N GLY A 6 -3.50 -9.42 -1.05
CA GLY A 6 -3.88 -8.03 -0.84
C GLY A 6 -3.29 -7.46 0.43
N LYS A 7 -2.10 -6.87 0.33
CA LYS A 7 -1.41 -6.26 1.47
C LYS A 7 -1.58 -4.74 1.47
N CYS A 8 -1.36 -4.11 0.30
CA CYS A 8 -1.49 -2.67 0.15
C CYS A 8 -2.89 -2.29 -0.38
N PRO A 9 -3.35 -1.01 -0.20
CA PRO A 9 -4.69 -0.56 -0.68
C PRO A 9 -4.91 -0.72 -2.19
N SER A 10 -5.45 -1.90 -2.58
CA SER A 10 -5.77 -2.28 -3.98
C SER A 10 -4.53 -2.50 -4.85
N GLY A 11 -3.60 -1.54 -4.83
CA GLY A 11 -2.39 -1.64 -5.62
C GLY A 11 -1.45 -0.47 -5.42
N ARG A 12 -0.67 -0.54 -4.34
CA ARG A 12 0.29 0.51 -4.00
C ARG A 12 1.73 -0.02 -4.11
N VAL A 13 2.71 0.90 -4.04
CA VAL A 13 4.12 0.53 -4.13
C VAL A 13 4.69 0.22 -2.73
N ARG A 14 5.43 -0.88 -2.63
CA ARG A 14 6.03 -1.30 -1.36
C ARG A 14 7.49 -0.89 -1.28
N ARG A 15 7.89 -0.43 -0.08
CA ARG A 15 9.25 0.03 0.21
C ARG A 15 9.54 -0.13 1.70
N LEU A 16 10.61 -0.90 2.02
CA LEU A 16 11.04 -1.17 3.42
C LEU A 16 9.99 -1.97 4.22
N GLY A 17 8.94 -2.44 3.55
CA GLY A 17 7.89 -3.21 4.19
C GLY A 17 6.61 -2.42 4.43
N ILE A 18 6.52 -1.22 3.86
CA ILE A 18 5.34 -0.35 4.01
C ILE A 18 5.01 0.39 2.72
N CYS A 19 3.71 0.43 2.39
CA CYS A 19 3.23 1.10 1.18
C CYS A 19 2.90 2.57 1.45
N VAL A 20 3.32 3.43 0.52
CA VAL A 20 3.10 4.88 0.63
C VAL A 20 2.77 5.51 -0.74
N PRO A 21 2.12 6.71 -0.81
CA PRO A 21 1.77 7.37 -2.09
C PRO A 21 3.00 7.95 -2.80
N ASP A 22 2.97 7.90 -4.14
CA ASP A 22 4.07 8.42 -4.97
C ASP A 22 3.76 9.83 -5.50
N ASP A 23 2.49 10.25 -5.36
CA ASP A 23 2.06 11.57 -5.84
C ASP A 23 2.16 12.62 -4.73
N ASP A 24 1.81 12.23 -3.49
CA ASP A 24 1.85 13.12 -2.34
C ASP A 24 3.22 13.06 -1.64
N TYR A 25 3.78 11.85 -1.50
CA TYR A 25 5.07 11.66 -0.85
C TYR A 25 6.12 11.21 -1.86
N PHE A 1 -8.63 -12.77 -9.30
CA PHE A 1 -9.30 -11.87 -8.32
C PHE A 1 -9.26 -12.46 -6.92
N GLY A 2 -9.21 -11.58 -5.92
CA GLY A 2 -9.16 -12.01 -4.53
C GLY A 2 -8.61 -10.94 -3.61
N VAL A 3 -7.85 -11.36 -2.61
CA VAL A 3 -7.23 -10.44 -1.64
C VAL A 3 -5.72 -10.68 -1.57
N LYS A 4 -4.96 -9.78 -2.18
CA LYS A 4 -3.50 -9.86 -2.19
C LYS A 4 -2.89 -8.94 -1.11
N ASP A 5 -3.41 -7.72 -1.04
CA ASP A 5 -2.94 -6.73 -0.06
C ASP A 5 -3.92 -6.60 1.09
N GLY A 6 -3.41 -6.72 2.32
CA GLY A 6 -4.24 -6.62 3.51
C GLY A 6 -4.24 -5.23 4.11
N LYS A 7 -3.08 -4.55 4.07
CA LYS A 7 -2.94 -3.19 4.62
C LYS A 7 -3.13 -2.14 3.53
N CYS A 8 -2.50 -2.35 2.36
CA CYS A 8 -2.58 -1.43 1.24
C CYS A 8 -3.78 -1.78 0.32
N PRO A 9 -4.31 -0.80 -0.48
CA PRO A 9 -5.46 -1.05 -1.40
C PRO A 9 -5.05 -1.77 -2.71
N SER A 10 -4.01 -2.63 -2.61
CA SER A 10 -3.47 -3.43 -3.75
C SER A 10 -2.70 -2.57 -4.75
N GLY A 11 -3.26 -1.41 -5.11
CA GLY A 11 -2.61 -0.51 -6.06
C GLY A 11 -1.68 0.47 -5.40
N ARG A 12 -0.74 -0.05 -4.61
CA ARG A 12 0.23 0.79 -3.90
C ARG A 12 1.65 0.25 -4.09
N VAL A 13 2.65 1.13 -3.90
CA VAL A 13 4.06 0.76 -4.04
C VAL A 13 4.63 0.28 -2.70
N ARG A 14 5.37 -0.83 -2.73
CA ARG A 14 5.97 -1.41 -1.53
C ARG A 14 7.43 -0.97 -1.38
N ARG A 15 7.74 -0.41 -0.22
CA ARG A 15 9.10 0.07 0.10
C ARG A 15 9.44 -0.22 1.56
N LEU A 16 10.49 -1.04 1.78
CA LEU A 16 10.97 -1.43 3.14
C LEU A 16 9.88 -2.11 3.99
N GLY A 17 8.90 -2.72 3.30
CA GLY A 17 7.80 -3.40 3.98
C GLY A 17 6.54 -2.56 4.09
N ILE A 18 6.71 -1.23 4.18
CA ILE A 18 5.58 -0.31 4.28
C ILE A 18 5.29 0.37 2.95
N CYS A 19 4.02 0.36 2.54
CA CYS A 19 3.60 0.95 1.26
C CYS A 19 3.22 2.41 1.44
N VAL A 20 3.61 3.23 0.46
CA VAL A 20 3.31 4.67 0.48
C VAL A 20 2.70 5.14 -0.87
N PRO A 21 1.98 6.31 -0.90
CA PRO A 21 1.36 6.82 -2.14
C PRO A 21 2.37 7.43 -3.10
N ASP A 22 2.03 7.41 -4.39
CA ASP A 22 2.91 7.95 -5.44
C ASP A 22 2.37 9.26 -6.01
N ASP A 23 1.05 9.32 -6.26
CA ASP A 23 0.40 10.51 -6.81
C ASP A 23 -0.07 11.48 -5.71
N ASP A 24 -0.38 10.93 -4.53
CA ASP A 24 -0.85 11.73 -3.39
C ASP A 24 0.32 12.28 -2.57
N TYR A 25 1.36 11.44 -2.39
CA TYR A 25 2.54 11.84 -1.63
C TYR A 25 3.81 11.62 -2.45
N PHE A 1 -3.43 -8.42 8.56
CA PHE A 1 -4.10 -7.92 9.78
C PHE A 1 -5.62 -7.83 9.59
N GLY A 2 -6.04 -7.37 8.41
CA GLY A 2 -7.46 -7.23 8.12
C GLY A 2 -7.73 -6.21 7.02
N VAL A 3 -8.25 -6.69 5.89
CA VAL A 3 -8.57 -5.84 4.74
C VAL A 3 -9.87 -6.27 4.07
N LYS A 4 -10.91 -5.44 4.20
CA LYS A 4 -12.22 -5.71 3.62
C LYS A 4 -12.40 -4.98 2.29
N ASP A 5 -11.97 -3.72 2.24
CA ASP A 5 -12.09 -2.90 1.03
C ASP A 5 -10.76 -2.83 0.27
N GLY A 6 -9.67 -2.60 1.01
CA GLY A 6 -8.34 -2.52 0.41
C GLY A 6 -7.83 -1.09 0.33
N LYS A 7 -6.80 -0.80 1.14
CA LYS A 7 -6.20 0.53 1.19
C LYS A 7 -4.86 0.55 0.45
N CYS A 8 -4.01 -0.45 0.72
CA CYS A 8 -2.70 -0.55 0.08
C CYS A 8 -2.64 -1.66 -0.99
N PRO A 9 -3.20 -2.90 -0.75
CA PRO A 9 -3.17 -4.00 -1.74
C PRO A 9 -4.17 -3.81 -2.90
N SER A 10 -4.44 -2.55 -3.25
CA SER A 10 -5.36 -2.22 -4.34
C SER A 10 -4.62 -1.53 -5.49
N GLY A 11 -3.69 -0.64 -5.13
CA GLY A 11 -2.90 0.09 -6.10
C GLY A 11 -1.82 0.94 -5.45
N ARG A 12 -1.12 0.35 -4.48
CA ARG A 12 -0.06 1.03 -3.74
C ARG A 12 1.23 0.22 -3.77
N VAL A 13 2.37 0.92 -3.65
CA VAL A 13 3.69 0.29 -3.66
C VAL A 13 4.12 -0.11 -2.23
N ARG A 14 4.90 -1.19 -2.15
CA ARG A 14 5.41 -1.69 -0.87
C ARG A 14 6.91 -1.97 -0.94
N ARG A 15 7.71 -1.08 -0.33
CA ARG A 15 9.16 -1.20 -0.32
C ARG A 15 9.73 -0.87 1.06
N LEU A 16 10.82 -1.58 1.44
CA LEU A 16 11.51 -1.40 2.74
C LEU A 16 10.63 -1.80 3.95
N GLY A 17 9.48 -2.40 3.68
CA GLY A 17 8.56 -2.82 4.73
C GLY A 17 7.54 -1.76 5.09
N ILE A 18 7.32 -0.81 4.17
CA ILE A 18 6.37 0.28 4.39
C ILE A 18 5.52 0.54 3.13
N CYS A 19 4.34 1.13 3.34
CA CYS A 19 3.43 1.44 2.24
C CYS A 19 3.15 2.94 2.18
N VAL A 20 3.29 3.50 0.98
CA VAL A 20 3.04 4.94 0.74
C VAL A 20 2.55 5.18 -0.71
N PRO A 21 1.84 6.33 -0.99
CA PRO A 21 1.34 6.63 -2.35
C PRO A 21 2.44 7.18 -3.27
N ASP A 22 2.82 6.38 -4.26
CA ASP A 22 3.86 6.77 -5.23
C ASP A 22 3.33 6.79 -6.67
N ASP A 23 2.02 6.57 -6.84
CA ASP A 23 1.39 6.57 -8.16
C ASP A 23 0.46 7.77 -8.35
N ASP A 24 -0.24 8.16 -7.27
CA ASP A 24 -1.17 9.29 -7.31
C ASP A 24 -0.48 10.60 -6.90
N TYR A 25 0.35 10.52 -5.84
CA TYR A 25 1.08 11.69 -5.34
C TYR A 25 2.58 11.41 -5.29
N PHE A 1 -6.41 -8.16 15.24
CA PHE A 1 -6.01 -7.57 13.94
C PHE A 1 -4.50 -7.48 13.83
N GLY A 2 -3.99 -7.77 12.62
CA GLY A 2 -2.55 -7.72 12.38
C GLY A 2 -2.21 -7.73 10.90
N VAL A 3 -1.50 -6.69 10.46
CA VAL A 3 -1.09 -6.55 9.05
C VAL A 3 0.31 -5.96 8.93
N LYS A 4 1.24 -6.77 8.46
CA LYS A 4 2.64 -6.35 8.27
C LYS A 4 3.10 -6.55 6.83
N ASP A 5 2.62 -7.63 6.20
CA ASP A 5 2.99 -7.96 4.81
C ASP A 5 1.95 -7.43 3.81
N GLY A 6 0.77 -7.05 4.32
CA GLY A 6 -0.29 -6.52 3.46
C GLY A 6 -0.89 -5.25 4.01
N LYS A 7 -0.20 -4.13 3.80
CA LYS A 7 -0.64 -2.83 4.27
C LYS A 7 -1.49 -2.11 3.21
N CYS A 8 -1.06 -2.19 1.95
CA CYS A 8 -1.78 -1.54 0.84
C CYS A 8 -2.40 -2.59 -0.10
N PRO A 9 -3.75 -2.72 -0.12
CA PRO A 9 -4.44 -3.69 -0.99
C PRO A 9 -4.66 -3.15 -2.42
N SER A 10 -3.64 -3.35 -3.29
CA SER A 10 -3.66 -2.90 -4.70
C SER A 10 -3.91 -1.39 -4.83
N GLY A 11 -2.82 -0.65 -5.01
CA GLY A 11 -2.91 0.81 -5.15
C GLY A 11 -1.59 1.49 -4.88
N ARG A 12 -1.06 1.30 -3.67
CA ARG A 12 0.22 1.91 -3.26
C ARG A 12 1.37 0.93 -3.47
N VAL A 13 2.59 1.47 -3.57
CA VAL A 13 3.80 0.68 -3.78
C VAL A 13 4.42 0.27 -2.42
N ARG A 14 4.89 -0.97 -2.35
CA ARG A 14 5.50 -1.48 -1.12
C ARG A 14 7.03 -1.45 -1.22
N ARG A 15 7.67 -1.04 -0.11
CA ARG A 15 9.13 -0.93 -0.02
C ARG A 15 9.57 -1.08 1.44
N LEU A 16 10.31 -2.18 1.74
CA LEU A 16 10.83 -2.49 3.10
C LEU A 16 9.70 -2.76 4.12
N GLY A 17 8.44 -2.78 3.64
CA GLY A 17 7.31 -3.04 4.51
C GLY A 17 6.39 -1.84 4.69
N ILE A 18 6.71 -0.74 4.00
CA ILE A 18 5.90 0.49 4.09
C ILE A 18 5.37 0.92 2.71
N CYS A 19 4.04 1.13 2.63
CA CYS A 19 3.39 1.53 1.39
C CYS A 19 3.32 3.06 1.28
N VAL A 20 3.39 3.55 0.03
CA VAL A 20 3.36 4.99 -0.26
C VAL A 20 2.74 5.28 -1.64
N PRO A 21 1.71 6.18 -1.75
CA PRO A 21 1.07 6.52 -3.04
C PRO A 21 1.95 7.43 -3.91
N ASP A 22 1.76 7.34 -5.23
CA ASP A 22 2.51 8.14 -6.19
C ASP A 22 1.58 8.83 -7.18
N ASP A 23 1.49 10.16 -7.09
CA ASP A 23 0.64 10.96 -7.97
C ASP A 23 1.45 12.05 -8.66
N ASP A 24 2.27 12.79 -7.89
CA ASP A 24 3.09 13.86 -8.41
C ASP A 24 4.52 13.39 -8.67
N TYR A 25 5.09 12.65 -7.71
CA TYR A 25 6.46 12.14 -7.83
C TYR A 25 6.52 10.66 -7.43
N PHE A 1 -0.85 -11.97 -0.49
CA PHE A 1 -1.30 -13.23 0.15
C PHE A 1 -2.82 -13.26 0.32
N GLY A 2 -3.39 -12.12 0.73
CA GLY A 2 -4.83 -12.02 0.93
C GLY A 2 -5.30 -10.59 1.05
N VAL A 3 -6.58 -10.36 0.71
CA VAL A 3 -7.18 -9.02 0.76
C VAL A 3 -8.63 -9.09 1.25
N LYS A 4 -8.86 -8.55 2.44
CA LYS A 4 -10.20 -8.54 3.05
C LYS A 4 -10.92 -7.22 2.76
N ASP A 5 -10.20 -6.10 2.88
CA ASP A 5 -10.75 -4.78 2.63
C ASP A 5 -10.02 -4.06 1.49
N GLY A 6 -8.68 -4.08 1.53
CA GLY A 6 -7.88 -3.44 0.51
C GLY A 6 -7.42 -2.05 0.90
N LYS A 7 -6.30 -1.98 1.63
CA LYS A 7 -5.75 -0.70 2.08
C LYS A 7 -4.49 -0.34 1.27
N CYS A 8 -3.57 -1.30 1.14
CA CYS A 8 -2.33 -1.10 0.41
C CYS A 8 -2.17 -2.09 -0.77
N PRO A 9 -2.49 -3.43 -0.61
CA PRO A 9 -2.35 -4.42 -1.70
C PRO A 9 -3.42 -4.29 -2.80
N SER A 10 -3.91 -3.06 -3.01
CA SER A 10 -4.92 -2.77 -4.03
C SER A 10 -4.33 -1.94 -5.17
N GLY A 11 -3.50 -0.95 -4.81
CA GLY A 11 -2.85 -0.09 -5.78
C GLY A 11 -1.79 0.79 -5.15
N ARG A 12 -1.00 0.21 -4.25
CA ARG A 12 0.06 0.92 -3.55
C ARG A 12 1.42 0.27 -3.80
N VAL A 13 2.50 1.06 -3.60
CA VAL A 13 3.87 0.57 -3.77
C VAL A 13 4.45 0.10 -2.43
N ARG A 14 4.58 -1.22 -2.28
CA ARG A 14 5.11 -1.81 -1.05
C ARG A 14 6.60 -2.09 -1.16
N ARG A 15 7.39 -1.31 -0.40
CA ARG A 15 8.84 -1.44 -0.37
C ARG A 15 9.37 -1.29 1.05
N LEU A 16 10.18 -2.28 1.50
CA LEU A 16 10.78 -2.30 2.86
C LEU A 16 9.73 -2.42 3.99
N GLY A 17 8.47 -2.67 3.61
CA GLY A 17 7.39 -2.81 4.57
C GLY A 17 6.65 -1.51 4.84
N ILE A 18 6.79 -0.54 3.93
CA ILE A 18 6.14 0.76 4.07
C ILE A 18 5.41 1.15 2.77
N CYS A 19 4.23 1.77 2.92
CA CYS A 19 3.42 2.21 1.78
C CYS A 19 3.68 3.69 1.47
N VAL A 20 3.89 3.99 0.19
CA VAL A 20 4.14 5.37 -0.26
C VAL A 20 2.88 5.95 -0.93
N PRO A 21 2.43 7.19 -0.57
CA PRO A 21 1.23 7.81 -1.18
C PRO A 21 1.47 8.28 -2.62
N ASP A 22 0.42 8.17 -3.44
CA ASP A 22 0.50 8.58 -4.85
C ASP A 22 -0.37 9.81 -5.11
N ASP A 23 -1.63 9.77 -4.67
CA ASP A 23 -2.57 10.88 -4.84
C ASP A 23 -3.40 11.11 -3.58
N ASP A 24 -4.02 10.02 -3.07
CA ASP A 24 -4.84 10.09 -1.87
C ASP A 24 -4.33 9.14 -0.79
N TYR A 25 -3.97 7.91 -1.19
CA TYR A 25 -3.47 6.90 -0.25
C TYR A 25 -2.14 6.32 -0.74
N PHE A 1 -11.22 -3.73 6.47
CA PHE A 1 -10.89 -3.78 5.02
C PHE A 1 -9.62 -4.58 4.78
N GLY A 2 -9.61 -5.36 3.70
CA GLY A 2 -8.47 -6.18 3.35
C GLY A 2 -8.63 -7.63 3.77
N VAL A 3 -7.72 -8.10 4.62
CA VAL A 3 -7.76 -9.50 5.11
C VAL A 3 -7.50 -9.56 6.61
N LYS A 4 -6.50 -8.79 7.08
CA LYS A 4 -6.14 -8.76 8.49
C LYS A 4 -6.33 -7.35 9.06
N ASP A 5 -5.81 -6.34 8.36
CA ASP A 5 -5.92 -4.95 8.78
C ASP A 5 -6.32 -4.05 7.60
N GLY A 6 -5.57 -4.18 6.48
CA GLY A 6 -5.85 -3.39 5.29
C GLY A 6 -5.10 -2.08 5.26
N LYS A 7 -3.86 -2.12 4.73
CA LYS A 7 -3.02 -0.92 4.64
C LYS A 7 -3.00 -0.39 3.21
N CYS A 8 -2.68 -1.27 2.24
CA CYS A 8 -2.62 -0.92 0.83
C CYS A 8 -3.95 -1.26 0.14
N PRO A 9 -4.63 -0.28 -0.55
CA PRO A 9 -5.91 -0.53 -1.23
C PRO A 9 -5.76 -1.22 -2.61
N SER A 10 -4.81 -2.17 -2.69
CA SER A 10 -4.53 -2.94 -3.93
C SER A 10 -4.03 -2.02 -5.05
N GLY A 11 -2.73 -2.09 -5.31
CA GLY A 11 -2.10 -1.27 -6.33
C GLY A 11 -1.27 -0.16 -5.74
N ARG A 12 -0.42 -0.52 -4.77
CA ARG A 12 0.44 0.43 -4.07
C ARG A 12 1.91 0.02 -4.19
N VAL A 13 2.81 0.97 -3.92
CA VAL A 13 4.25 0.71 -3.99
C VAL A 13 4.79 0.22 -2.62
N ARG A 14 5.55 -0.89 -2.66
CA ARG A 14 6.11 -1.48 -1.45
C ARG A 14 7.62 -1.21 -1.35
N ARG A 15 8.00 -0.45 -0.31
CA ARG A 15 9.40 -0.10 -0.07
C ARG A 15 9.68 -0.09 1.44
N LEU A 16 10.85 -0.64 1.83
CA LEU A 16 11.30 -0.74 3.24
C LEU A 16 10.45 -1.72 4.09
N GLY A 17 9.41 -2.29 3.47
CA GLY A 17 8.55 -3.24 4.18
C GLY A 17 7.13 -2.71 4.39
N ILE A 18 6.87 -1.48 3.95
CA ILE A 18 5.55 -0.85 4.08
C ILE A 18 5.20 -0.07 2.82
N CYS A 19 3.91 -0.06 2.45
CA CYS A 19 3.44 0.63 1.25
C CYS A 19 3.05 2.07 1.56
N VAL A 20 3.34 2.97 0.61
CA VAL A 20 3.03 4.40 0.75
C VAL A 20 2.40 4.96 -0.55
N PRO A 21 1.71 6.15 -0.50
CA PRO A 21 1.08 6.75 -1.70
C PRO A 21 2.10 7.39 -2.65
N ASP A 22 1.80 7.34 -3.95
CA ASP A 22 2.68 7.90 -4.97
C ASP A 22 2.08 9.19 -5.55
N ASP A 23 0.78 9.14 -5.92
CA ASP A 23 0.09 10.30 -6.48
C ASP A 23 -1.30 10.46 -5.85
N ASP A 24 -2.06 9.36 -5.78
CA ASP A 24 -3.41 9.37 -5.20
C ASP A 24 -3.60 8.18 -4.26
N TYR A 25 -3.16 6.99 -4.70
CA TYR A 25 -3.28 5.77 -3.90
C TYR A 25 -1.91 5.29 -3.44
N PHE A 1 -6.89 -6.76 12.07
CA PHE A 1 -5.43 -7.04 12.05
C PHE A 1 -4.71 -6.15 11.03
N GLY A 2 -5.33 -5.98 9.86
CA GLY A 2 -4.74 -5.15 8.81
C GLY A 2 -5.52 -5.24 7.51
N VAL A 3 -5.84 -4.06 6.93
CA VAL A 3 -6.59 -3.91 5.66
C VAL A 3 -7.81 -4.84 5.56
N LYS A 4 -9.00 -4.26 5.78
CA LYS A 4 -10.27 -5.01 5.71
C LYS A 4 -10.92 -4.88 4.33
N ASP A 5 -10.93 -3.67 3.79
CA ASP A 5 -11.52 -3.39 2.48
C ASP A 5 -10.46 -3.38 1.38
N GLY A 6 -9.29 -2.81 1.68
CA GLY A 6 -8.20 -2.73 0.72
C GLY A 6 -7.63 -1.34 0.59
N LYS A 7 -6.63 -1.03 1.43
CA LYS A 7 -5.98 0.28 1.42
C LYS A 7 -4.66 0.22 0.66
N CYS A 8 -3.82 -0.77 0.98
CA CYS A 8 -2.53 -0.93 0.33
C CYS A 8 -2.56 -1.99 -0.80
N PRO A 9 -3.18 -3.21 -0.59
CA PRO A 9 -3.23 -4.26 -1.65
C PRO A 9 -4.23 -3.96 -2.79
N SER A 10 -4.45 -2.66 -3.06
CA SER A 10 -5.38 -2.24 -4.12
C SER A 10 -4.61 -1.58 -5.28
N GLY A 11 -3.62 -0.74 -4.92
CA GLY A 11 -2.82 -0.04 -5.91
C GLY A 11 -1.76 0.84 -5.25
N ARG A 12 -1.02 0.24 -4.32
CA ARG A 12 0.03 0.95 -3.59
C ARG A 12 1.38 0.25 -3.77
N VAL A 13 2.46 1.03 -3.60
CA VAL A 13 3.83 0.52 -3.73
C VAL A 13 4.36 0.03 -2.38
N ARG A 14 5.05 -1.12 -2.39
CA ARG A 14 5.61 -1.70 -1.18
C ARG A 14 7.13 -1.69 -1.22
N ARG A 15 7.73 -0.86 -0.35
CA ARG A 15 9.19 -0.72 -0.25
C ARG A 15 9.61 -0.64 1.22
N LEU A 16 10.62 -1.46 1.59
CA LEU A 16 11.16 -1.53 2.98
C LEU A 16 10.14 -2.02 4.01
N GLY A 17 8.99 -2.54 3.53
CA GLY A 17 7.95 -3.04 4.41
C GLY A 17 6.94 -1.98 4.83
N ILE A 18 6.85 -0.90 4.03
CA ILE A 18 5.92 0.20 4.31
C ILE A 18 5.19 0.65 3.05
N CYS A 19 4.02 1.29 3.25
CA CYS A 19 3.19 1.78 2.14
C CYS A 19 3.51 3.24 1.82
N VAL A 20 3.77 3.50 0.54
CA VAL A 20 4.08 4.85 0.07
C VAL A 20 3.01 5.31 -0.95
N PRO A 21 2.48 6.58 -0.86
CA PRO A 21 1.46 7.08 -1.81
C PRO A 21 2.02 7.26 -3.24
N ASP A 22 1.37 6.62 -4.21
CA ASP A 22 1.78 6.69 -5.61
C ASP A 22 0.88 7.65 -6.41
N ASP A 23 -0.29 7.99 -5.85
CA ASP A 23 -1.25 8.90 -6.50
C ASP A 23 -1.06 10.35 -6.04
N ASP A 24 -0.73 10.52 -4.75
CA ASP A 24 -0.53 11.84 -4.16
C ASP A 24 0.91 12.33 -4.34
N TYR A 25 1.87 11.42 -4.16
CA TYR A 25 3.29 11.74 -4.30
C TYR A 25 3.94 10.89 -5.40
N PHE A 1 -10.87 -7.71 -4.17
CA PHE A 1 -10.91 -6.27 -3.81
C PHE A 1 -11.30 -6.07 -2.35
N GLY A 2 -10.75 -5.01 -1.74
CA GLY A 2 -11.04 -4.72 -0.34
C GLY A 2 -9.86 -4.09 0.37
N VAL A 3 -9.48 -4.68 1.50
CA VAL A 3 -8.36 -4.19 2.31
C VAL A 3 -7.52 -5.35 2.87
N LYS A 4 -6.30 -5.49 2.35
CA LYS A 4 -5.39 -6.55 2.79
C LYS A 4 -4.38 -6.03 3.81
N ASP A 5 -3.80 -4.85 3.54
CA ASP A 5 -2.82 -4.24 4.43
C ASP A 5 -3.46 -3.17 5.33
N GLY A 6 -4.36 -2.37 4.75
CA GLY A 6 -5.04 -1.32 5.50
C GLY A 6 -4.94 0.03 4.82
N LYS A 7 -3.71 0.42 4.48
CA LYS A 7 -3.44 1.71 3.83
C LYS A 7 -3.40 1.56 2.31
N CYS A 8 -2.74 0.49 1.84
CA CYS A 8 -2.61 0.22 0.41
C CYS A 8 -3.46 -0.99 -0.02
N PRO A 9 -4.48 -0.79 -0.93
CA PRO A 9 -5.34 -1.89 -1.41
C PRO A 9 -4.67 -2.77 -2.48
N SER A 10 -3.40 -3.15 -2.21
CA SER A 10 -2.56 -3.99 -3.10
C SER A 10 -2.10 -3.26 -4.38
N GLY A 11 -2.91 -2.30 -4.84
CA GLY A 11 -2.59 -1.53 -6.04
C GLY A 11 -1.76 -0.30 -5.75
N ARG A 12 -0.76 -0.44 -4.88
CA ARG A 12 0.13 0.66 -4.49
C ARG A 12 1.60 0.19 -4.47
N VAL A 13 2.52 1.12 -4.19
CA VAL A 13 3.95 0.81 -4.15
C VAL A 13 4.39 0.38 -2.74
N ARG A 14 5.33 -0.57 -2.68
CA ARG A 14 5.84 -1.07 -1.41
C ARG A 14 7.37 -0.99 -1.38
N ARG A 15 7.90 -0.61 -0.22
CA ARG A 15 9.34 -0.48 0.00
C ARG A 15 9.69 -0.83 1.45
N LEU A 16 10.54 -1.89 1.62
CA LEU A 16 10.98 -2.36 2.95
C LEU A 16 9.82 -2.92 3.82
N GLY A 17 8.63 -3.06 3.20
CA GLY A 17 7.46 -3.57 3.90
C GLY A 17 6.49 -2.47 4.30
N ILE A 18 6.66 -1.27 3.74
CA ILE A 18 5.78 -0.13 4.04
C ILE A 18 5.37 0.61 2.76
N CYS A 19 4.05 0.69 2.53
CA CYS A 19 3.49 1.36 1.36
C CYS A 19 3.08 2.80 1.71
N VAL A 20 3.29 3.70 0.75
CA VAL A 20 2.95 5.12 0.93
C VAL A 20 2.40 5.74 -0.38
N PRO A 21 1.62 6.89 -0.30
CA PRO A 21 1.07 7.55 -1.50
C PRO A 21 2.12 8.31 -2.30
N ASP A 22 1.93 8.34 -3.62
CA ASP A 22 2.86 9.04 -4.53
C ASP A 22 2.32 10.40 -4.97
N ASP A 23 0.98 10.48 -5.12
CA ASP A 23 0.32 11.72 -5.55
C ASP A 23 -0.03 12.63 -4.38
N ASP A 24 -0.50 12.03 -3.28
CA ASP A 24 -0.88 12.79 -2.08
C ASP A 24 -0.32 12.11 -0.82
N TYR A 25 0.93 12.43 -0.52
CA TYR A 25 1.63 11.89 0.64
C TYR A 25 1.58 12.86 1.82
N PHE A 1 -3.46 -21.35 6.96
CA PHE A 1 -3.16 -20.39 5.86
C PHE A 1 -4.15 -19.23 5.85
N GLY A 2 -3.66 -18.05 5.48
CA GLY A 2 -4.51 -16.86 5.43
C GLY A 2 -4.10 -15.90 4.33
N VAL A 3 -3.36 -14.85 4.70
CA VAL A 3 -2.88 -13.84 3.76
C VAL A 3 -1.50 -13.33 4.15
N LYS A 4 -0.52 -13.57 3.27
CA LYS A 4 0.87 -13.15 3.49
C LYS A 4 1.06 -11.68 3.07
N ASP A 5 0.50 -11.31 1.92
CA ASP A 5 0.58 -9.95 1.39
C ASP A 5 -0.80 -9.30 1.34
N GLY A 6 -1.09 -8.45 2.33
CA GLY A 6 -2.35 -7.76 2.40
C GLY A 6 -2.35 -6.61 3.39
N LYS A 7 -1.77 -5.48 2.97
CA LYS A 7 -1.68 -4.28 3.82
C LYS A 7 -2.18 -3.05 3.07
N CYS A 8 -1.81 -2.93 1.78
CA CYS A 8 -2.21 -1.81 0.94
C CYS A 8 -3.59 -2.06 0.29
N PRO A 9 -4.32 -1.00 -0.20
CA PRO A 9 -5.65 -1.16 -0.82
C PRO A 9 -5.61 -1.68 -2.28
N SER A 10 -4.60 -2.54 -2.58
CA SER A 10 -4.40 -3.13 -3.92
C SER A 10 -4.06 -2.07 -4.97
N GLY A 11 -2.78 -2.03 -5.34
CA GLY A 11 -2.30 -1.07 -6.33
C GLY A 11 -1.46 0.03 -5.70
N ARG A 12 -0.52 -0.38 -4.84
CA ARG A 12 0.37 0.55 -4.13
C ARG A 12 1.82 0.07 -4.22
N VAL A 13 2.76 1.02 -4.06
CA VAL A 13 4.19 0.71 -4.12
C VAL A 13 4.72 0.35 -2.71
N ARG A 14 5.21 -0.89 -2.58
CA ARG A 14 5.73 -1.38 -1.30
C ARG A 14 7.26 -1.28 -1.26
N ARG A 15 7.75 -0.53 -0.26
CA ARG A 15 9.19 -0.34 -0.06
C ARG A 15 9.54 -0.37 1.42
N LEU A 16 10.59 -1.13 1.78
CA LEU A 16 11.06 -1.28 3.18
C LEU A 16 10.04 -1.99 4.09
N GLY A 17 8.96 -2.50 3.50
CA GLY A 17 7.92 -3.20 4.26
C GLY A 17 6.59 -2.49 4.26
N ILE A 18 6.62 -1.15 4.17
CA ILE A 18 5.40 -0.33 4.17
C ILE A 18 5.22 0.43 2.84
N CYS A 19 3.98 0.48 2.37
CA CYS A 19 3.64 1.17 1.12
C CYS A 19 3.09 2.57 1.39
N VAL A 20 3.53 3.53 0.57
CA VAL A 20 3.09 4.93 0.69
C VAL A 20 2.85 5.57 -0.68
N PRO A 21 2.04 6.68 -0.77
CA PRO A 21 1.75 7.36 -2.06
C PRO A 21 2.89 8.27 -2.53
N ASP A 22 3.26 8.14 -3.81
CA ASP A 22 4.33 8.95 -4.40
C ASP A 22 3.79 10.00 -5.38
N ASP A 23 2.47 9.95 -5.64
CA ASP A 23 1.82 10.89 -6.55
C ASP A 23 1.23 12.09 -5.81
N ASP A 24 0.96 11.91 -4.51
CA ASP A 24 0.39 12.95 -3.67
C ASP A 24 1.47 13.85 -3.05
N TYR A 25 2.57 13.23 -2.61
CA TYR A 25 3.69 13.95 -2.00
C TYR A 25 4.84 14.09 -2.99
N PHE A 1 -13.10 -3.09 9.41
CA PHE A 1 -12.93 -2.56 10.79
C PHE A 1 -11.51 -2.81 11.30
N GLY A 2 -11.00 -4.01 11.04
CA GLY A 2 -9.65 -4.37 11.49
C GLY A 2 -8.63 -4.27 10.38
N VAL A 3 -8.37 -5.41 9.73
CA VAL A 3 -7.39 -5.48 8.63
C VAL A 3 -7.86 -6.43 7.53
N LYS A 4 -8.18 -5.87 6.37
CA LYS A 4 -8.66 -6.65 5.22
C LYS A 4 -7.51 -6.97 4.26
N ASP A 5 -6.70 -5.94 3.92
CA ASP A 5 -5.57 -6.10 3.02
C ASP A 5 -4.25 -6.18 3.79
N GLY A 6 -4.06 -5.25 4.73
CA GLY A 6 -2.84 -5.20 5.54
C GLY A 6 -2.26 -3.80 5.63
N LYS A 7 -1.55 -3.40 4.58
CA LYS A 7 -0.92 -2.08 4.52
C LYS A 7 -1.60 -1.20 3.46
N CYS A 8 -1.74 -1.74 2.23
CA CYS A 8 -2.38 -1.02 1.12
C CYS A 8 -3.31 -1.95 0.33
N PRO A 9 -4.28 -1.40 -0.48
CA PRO A 9 -5.24 -2.22 -1.26
C PRO A 9 -4.61 -2.83 -2.54
N SER A 10 -3.32 -3.24 -2.44
CA SER A 10 -2.55 -3.86 -3.55
C SER A 10 -2.24 -2.88 -4.69
N GLY A 11 -3.07 -1.84 -4.87
CA GLY A 11 -2.87 -0.85 -5.92
C GLY A 11 -1.96 0.29 -5.49
N ARG A 12 -0.98 -0.02 -4.64
CA ARG A 12 -0.02 0.96 -4.13
C ARG A 12 1.41 0.40 -4.24
N VAL A 13 2.40 1.27 -4.01
CA VAL A 13 3.82 0.89 -4.09
C VAL A 13 4.34 0.39 -2.73
N ARG A 14 5.12 -0.70 -2.75
CA ARG A 14 5.69 -1.27 -1.54
C ARG A 14 7.19 -1.01 -1.47
N ARG A 15 7.65 -0.65 -0.26
CA ARG A 15 9.06 -0.35 0.01
C ARG A 15 9.38 -0.62 1.48
N LEU A 16 10.31 -1.56 1.74
CA LEU A 16 10.74 -1.94 3.11
C LEU A 16 9.60 -2.54 3.96
N GLY A 17 8.48 -2.86 3.31
CA GLY A 17 7.33 -3.44 4.00
C GLY A 17 6.27 -2.40 4.36
N ILE A 18 6.32 -1.23 3.71
CA ILE A 18 5.35 -0.16 3.95
C ILE A 18 4.96 0.55 2.66
N CYS A 19 3.66 0.78 2.48
CA CYS A 19 3.13 1.43 1.29
C CYS A 19 3.06 2.95 1.48
N VAL A 20 3.61 3.70 0.51
CA VAL A 20 3.62 5.16 0.56
C VAL A 20 3.01 5.78 -0.71
N PRO A 21 2.56 7.07 -0.68
CA PRO A 21 1.96 7.74 -1.86
C PRO A 21 3.02 8.19 -2.88
N ASP A 22 2.59 8.37 -4.13
CA ASP A 22 3.47 8.80 -5.21
C ASP A 22 3.13 10.22 -5.67
N ASP A 23 1.84 10.48 -5.92
CA ASP A 23 1.37 11.79 -6.36
C ASP A 23 0.06 12.17 -5.64
N ASP A 24 -0.88 11.23 -5.60
CA ASP A 24 -2.17 11.45 -4.94
C ASP A 24 -2.54 10.27 -4.03
N TYR A 25 -2.32 9.05 -4.53
CA TYR A 25 -2.62 7.83 -3.78
C TYR A 25 -1.34 7.03 -3.53
N PHE A 1 -8.30 -3.14 15.86
CA PHE A 1 -8.52 -1.66 15.92
C PHE A 1 -8.63 -1.07 14.51
N GLY A 2 -7.77 -1.52 13.60
CA GLY A 2 -7.80 -1.03 12.23
C GLY A 2 -7.67 -2.15 11.21
N VAL A 3 -6.61 -2.10 10.41
CA VAL A 3 -6.36 -3.12 9.37
C VAL A 3 -4.87 -3.44 9.27
N LYS A 4 -4.51 -4.66 9.67
CA LYS A 4 -3.12 -5.13 9.63
C LYS A 4 -2.84 -5.92 8.35
N ASP A 5 -3.81 -6.71 7.90
CA ASP A 5 -3.67 -7.53 6.69
C ASP A 5 -4.15 -6.78 5.44
N GLY A 6 -5.22 -5.98 5.60
CA GLY A 6 -5.76 -5.22 4.49
C GLY A 6 -5.58 -3.72 4.68
N LYS A 7 -4.31 -3.28 4.59
CA LYS A 7 -3.96 -1.87 4.74
C LYS A 7 -3.87 -1.19 3.37
N CYS A 8 -3.10 -1.78 2.45
CA CYS A 8 -2.91 -1.25 1.11
C CYS A 8 -3.88 -1.93 0.13
N PRO A 9 -4.71 -1.15 -0.65
CA PRO A 9 -5.67 -1.73 -1.63
C PRO A 9 -5.00 -2.24 -2.92
N SER A 10 -3.78 -2.82 -2.76
CA SER A 10 -2.98 -3.39 -3.88
C SER A 10 -2.43 -2.32 -4.84
N GLY A 11 -2.99 -1.11 -4.78
CA GLY A 11 -2.55 -0.02 -5.66
C GLY A 11 -1.56 0.90 -4.97
N ARG A 12 -0.58 0.30 -4.28
CA ARG A 12 0.45 1.06 -3.56
C ARG A 12 1.83 0.45 -3.81
N VAL A 13 2.88 1.27 -3.62
CA VAL A 13 4.27 0.83 -3.82
C VAL A 13 4.85 0.25 -2.51
N ARG A 14 5.26 -1.01 -2.57
CA ARG A 14 5.83 -1.69 -1.41
C ARG A 14 7.36 -1.65 -1.41
N ARG A 15 7.91 -0.90 -0.46
CA ARG A 15 9.35 -0.74 -0.29
C ARG A 15 9.72 -0.71 1.19
N LEU A 16 10.67 -1.58 1.61
CA LEU A 16 11.14 -1.69 3.01
C LEU A 16 10.05 -2.23 3.97
N GLY A 17 8.92 -2.66 3.40
CA GLY A 17 7.82 -3.20 4.20
C GLY A 17 6.75 -2.17 4.53
N ILE A 18 6.75 -1.05 3.82
CA ILE A 18 5.78 0.02 4.05
C ILE A 18 5.20 0.52 2.70
N CYS A 19 3.89 0.80 2.69
CA CYS A 19 3.20 1.29 1.49
C CYS A 19 3.24 2.81 1.41
N VAL A 20 3.51 3.33 0.21
CA VAL A 20 3.58 4.78 -0.02
C VAL A 20 2.59 5.17 -1.14
N PRO A 21 1.69 6.19 -0.91
CA PRO A 21 0.72 6.63 -1.92
C PRO A 21 1.37 7.40 -3.08
N ASP A 22 0.82 7.21 -4.28
CA ASP A 22 1.32 7.88 -5.49
C ASP A 22 0.49 9.11 -5.85
N ASP A 23 -0.69 9.24 -5.23
CA ASP A 23 -1.60 10.37 -5.48
C ASP A 23 -1.35 11.51 -4.50
N ASP A 24 -1.07 11.18 -3.24
CA ASP A 24 -0.81 12.16 -2.19
C ASP A 24 0.68 12.51 -2.10
N TYR A 25 1.54 11.49 -2.22
CA TYR A 25 2.99 11.68 -2.15
C TYR A 25 3.64 11.38 -3.50
N PHE A 1 -9.32 -3.35 15.77
CA PHE A 1 -10.07 -2.83 14.60
C PHE A 1 -9.13 -2.19 13.58
N GLY A 2 -9.45 -2.39 12.29
CA GLY A 2 -8.64 -1.84 11.21
C GLY A 2 -8.73 -2.66 9.95
N VAL A 3 -7.88 -2.31 8.96
CA VAL A 3 -7.85 -3.00 7.67
C VAL A 3 -6.40 -3.04 7.12
N LYS A 4 -5.89 -4.26 6.97
CA LYS A 4 -4.53 -4.48 6.46
C LYS A 4 -4.55 -4.75 4.95
N ASP A 5 -5.48 -5.60 4.50
CA ASP A 5 -5.62 -5.95 3.10
C ASP A 5 -6.73 -5.13 2.44
N GLY A 6 -6.49 -4.71 1.20
CA GLY A 6 -7.48 -3.92 0.45
C GLY A 6 -7.16 -2.44 0.41
N LYS A 7 -6.31 -1.98 1.35
CA LYS A 7 -5.91 -0.57 1.43
C LYS A 7 -4.59 -0.32 0.67
N CYS A 8 -3.59 -1.18 0.92
CA CYS A 8 -2.29 -1.06 0.27
C CYS A 8 -2.10 -2.08 -0.87
N PRO A 9 -2.45 -3.40 -0.70
CA PRO A 9 -2.27 -4.42 -1.77
C PRO A 9 -3.36 -4.34 -2.87
N SER A 10 -3.88 -3.13 -3.10
CA SER A 10 -4.90 -2.90 -4.12
C SER A 10 -4.39 -1.97 -5.23
N GLY A 11 -3.70 -0.90 -4.82
CA GLY A 11 -3.16 0.07 -5.76
C GLY A 11 -2.11 0.97 -5.12
N ARG A 12 -1.27 0.37 -4.26
CA ARG A 12 -0.22 1.09 -3.55
C ARG A 12 1.12 0.36 -3.71
N VAL A 13 2.22 1.13 -3.61
CA VAL A 13 3.57 0.57 -3.75
C VAL A 13 4.10 0.12 -2.38
N ARG A 14 4.73 -1.07 -2.36
CA ARG A 14 5.29 -1.63 -1.13
C ARG A 14 6.81 -1.71 -1.22
N ARG A 15 7.48 -0.97 -0.34
CA ARG A 15 8.95 -0.93 -0.29
C ARG A 15 9.43 -0.95 1.17
N LEU A 16 10.27 -1.96 1.51
CA LEU A 16 10.85 -2.14 2.87
C LEU A 16 9.79 -2.49 3.93
N GLY A 17 8.52 -2.60 3.51
CA GLY A 17 7.44 -2.92 4.43
C GLY A 17 6.43 -1.80 4.59
N ILE A 18 6.87 -0.55 4.38
CA ILE A 18 6.00 0.63 4.51
C ILE A 18 5.35 1.00 3.17
N CYS A 19 4.19 1.66 3.26
CA CYS A 19 3.43 2.08 2.07
C CYS A 19 3.76 3.53 1.70
N VAL A 20 3.97 3.75 0.40
CA VAL A 20 4.29 5.09 -0.12
C VAL A 20 3.13 5.61 -0.98
N PRO A 21 2.68 6.90 -0.82
CA PRO A 21 1.57 7.47 -1.62
C PRO A 21 1.93 7.66 -3.10
N ASP A 22 0.91 7.63 -3.95
CA ASP A 22 1.09 7.80 -5.40
C ASP A 22 0.13 8.86 -5.93
N ASP A 23 0.68 10.00 -6.36
CA ASP A 23 -0.12 11.11 -6.90
C ASP A 23 0.13 11.31 -8.40
N ASP A 24 1.40 11.18 -8.81
CA ASP A 24 1.79 11.35 -10.20
C ASP A 24 1.77 10.02 -10.96
N TYR A 25 2.30 8.97 -10.31
CA TYR A 25 2.35 7.63 -10.91
C TYR A 25 1.78 6.58 -9.97
N PHE A 1 -16.26 -6.02 9.07
CA PHE A 1 -15.10 -5.56 8.27
C PHE A 1 -14.05 -4.91 9.15
N GLY A 2 -12.77 -5.11 8.79
CA GLY A 2 -11.67 -4.54 9.56
C GLY A 2 -10.47 -4.23 8.69
N VAL A 3 -9.53 -5.18 8.62
CA VAL A 3 -8.30 -5.03 7.82
C VAL A 3 -7.92 -6.34 7.15
N LYS A 4 -8.05 -6.37 5.81
CA LYS A 4 -7.71 -7.54 5.02
C LYS A 4 -6.30 -7.45 4.43
N ASP A 5 -5.95 -6.26 3.92
CA ASP A 5 -4.63 -6.02 3.33
C ASP A 5 -3.72 -5.29 4.32
N GLY A 6 -4.24 -4.23 4.95
CA GLY A 6 -3.47 -3.46 5.91
C GLY A 6 -3.71 -1.96 5.78
N LYS A 7 -3.03 -1.33 4.82
CA LYS A 7 -3.16 0.10 4.59
C LYS A 7 -3.49 0.40 3.12
N CYS A 8 -2.78 -0.28 2.21
CA CYS A 8 -2.98 -0.09 0.77
C CYS A 8 -3.87 -1.20 0.18
N PRO A 9 -4.68 -0.89 -0.89
CA PRO A 9 -5.56 -1.89 -1.54
C PRO A 9 -4.83 -2.77 -2.58
N SER A 10 -3.55 -3.08 -2.29
CA SER A 10 -2.67 -3.91 -3.16
C SER A 10 -2.22 -3.16 -4.43
N GLY A 11 -2.92 -2.08 -4.78
CA GLY A 11 -2.58 -1.30 -5.97
C GLY A 11 -1.69 -0.12 -5.64
N ARG A 12 -0.72 -0.34 -4.75
CA ARG A 12 0.22 0.70 -4.32
C ARG A 12 1.66 0.16 -4.36
N VAL A 13 2.64 1.07 -4.21
CA VAL A 13 4.05 0.68 -4.23
C VAL A 13 4.56 0.33 -2.82
N ARG A 14 5.28 -0.80 -2.73
CA ARG A 14 5.81 -1.28 -1.47
C ARG A 14 7.33 -1.05 -1.39
N ARG A 15 7.77 -0.45 -0.27
CA ARG A 15 9.18 -0.16 -0.03
C ARG A 15 9.52 -0.43 1.44
N LEU A 16 10.51 -1.32 1.67
CA LEU A 16 10.97 -1.72 3.03
C LEU A 16 9.90 -2.46 3.84
N GLY A 17 8.78 -2.80 3.18
CA GLY A 17 7.69 -3.52 3.85
C GLY A 17 6.51 -2.61 4.21
N ILE A 18 6.52 -1.39 3.69
CA ILE A 18 5.44 -0.43 3.96
C ILE A 18 5.10 0.40 2.71
N CYS A 19 3.81 0.44 2.36
CA CYS A 19 3.34 1.17 1.19
C CYS A 19 3.00 2.62 1.54
N VAL A 20 3.49 3.54 0.71
CA VAL A 20 3.25 4.98 0.92
C VAL A 20 2.76 5.67 -0.37
N PRO A 21 2.12 6.88 -0.29
CA PRO A 21 1.62 7.61 -1.48
C PRO A 21 2.75 8.24 -2.31
N ASP A 22 2.48 8.44 -3.61
CA ASP A 22 3.47 9.04 -4.52
C ASP A 22 2.98 10.37 -5.08
N ASP A 23 1.71 10.41 -5.56
CA ASP A 23 1.12 11.62 -6.13
C ASP A 23 0.46 12.51 -5.07
N ASP A 24 0.02 11.90 -3.96
CA ASP A 24 -0.63 12.62 -2.87
C ASP A 24 0.38 13.18 -1.87
N TYR A 25 1.38 12.35 -1.51
CA TYR A 25 2.43 12.75 -0.56
C TYR A 25 3.81 12.35 -1.08
N PHE A 1 -12.79 -10.12 11.43
CA PHE A 1 -12.64 -9.23 10.24
C PHE A 1 -11.22 -8.72 10.12
N GLY A 2 -10.78 -8.50 8.87
CA GLY A 2 -9.44 -8.01 8.60
C GLY A 2 -9.15 -7.84 7.12
N VAL A 3 -8.13 -7.03 6.81
CA VAL A 3 -7.74 -6.78 5.42
C VAL A 3 -6.22 -6.80 5.26
N LYS A 4 -5.71 -7.85 4.61
CA LYS A 4 -4.28 -8.01 4.38
C LYS A 4 -3.91 -7.65 2.94
N ASP A 5 -4.77 -8.04 1.98
CA ASP A 5 -4.53 -7.77 0.56
C ASP A 5 -5.23 -6.48 0.11
N GLY A 6 -6.40 -6.19 0.72
CA GLY A 6 -7.16 -4.99 0.38
C GLY A 6 -6.83 -3.81 1.27
N LYS A 7 -5.53 -3.56 1.45
CA LYS A 7 -5.05 -2.44 2.27
C LYS A 7 -3.99 -1.63 1.51
N CYS A 8 -2.97 -2.32 1.00
CA CYS A 8 -1.89 -1.69 0.25
C CYS A 8 -1.67 -2.37 -1.12
N PRO A 9 -1.65 -3.75 -1.21
CA PRO A 9 -1.44 -4.45 -2.51
C PRO A 9 -2.66 -4.42 -3.45
N SER A 10 -3.45 -3.34 -3.35
CA SER A 10 -4.63 -3.15 -4.19
C SER A 10 -4.44 -1.93 -5.09
N GLY A 11 -4.00 -0.82 -4.50
CA GLY A 11 -3.76 0.41 -5.23
C GLY A 11 -2.67 1.26 -4.59
N ARG A 12 -1.72 0.60 -3.92
CA ARG A 12 -0.62 1.27 -3.23
C ARG A 12 0.70 0.53 -3.50
N VAL A 13 1.81 1.28 -3.37
CA VAL A 13 3.15 0.72 -3.58
C VAL A 13 3.80 0.37 -2.23
N ARG A 14 4.41 -0.82 -2.16
CA ARG A 14 5.07 -1.28 -0.95
C ARG A 14 6.57 -1.47 -1.18
N ARG A 15 7.36 -1.07 -0.17
CA ARG A 15 8.83 -1.18 -0.22
C ARG A 15 9.40 -1.24 1.20
N LEU A 16 10.12 -2.34 1.52
CA LEU A 16 10.75 -2.55 2.85
C LEU A 16 9.70 -2.74 3.98
N GLY A 17 8.42 -2.72 3.62
CA GLY A 17 7.35 -2.89 4.59
C GLY A 17 6.59 -1.61 4.88
N ILE A 18 6.88 -0.54 4.12
CA ILE A 18 6.22 0.76 4.30
C ILE A 18 5.51 1.20 3.01
N CYS A 19 4.27 1.68 3.18
CA CYS A 19 3.46 2.14 2.05
C CYS A 19 3.56 3.66 1.89
N VAL A 20 3.70 4.10 0.63
CA VAL A 20 3.80 5.53 0.31
C VAL A 20 3.07 5.86 -1.02
N PRO A 21 2.65 7.15 -1.26
CA PRO A 21 1.96 7.53 -2.51
C PRO A 21 2.91 7.65 -3.70
N ASP A 22 2.51 7.05 -4.83
CA ASP A 22 3.32 7.09 -6.05
C ASP A 22 2.58 7.84 -7.17
N ASP A 23 1.32 7.47 -7.41
CA ASP A 23 0.50 8.09 -8.45
C ASP A 23 -0.64 8.92 -7.86
N ASP A 24 -1.13 8.50 -6.69
CA ASP A 24 -2.23 9.19 -6.01
C ASP A 24 -1.69 10.26 -5.05
N TYR A 25 -0.97 11.23 -5.63
CA TYR A 25 -0.39 12.33 -4.86
C TYR A 25 -1.30 13.56 -4.91
N PHE A 1 -6.46 -13.57 7.32
CA PHE A 1 -5.38 -13.36 6.32
C PHE A 1 -5.96 -13.30 4.91
N GLY A 2 -5.56 -12.27 4.15
CA GLY A 2 -6.04 -12.12 2.78
C GLY A 2 -6.35 -10.67 2.45
N VAL A 3 -7.44 -10.47 1.68
CA VAL A 3 -7.87 -9.13 1.28
C VAL A 3 -9.40 -9.02 1.28
N LYS A 4 -9.92 -8.23 2.21
CA LYS A 4 -11.37 -8.02 2.34
C LYS A 4 -11.81 -6.75 1.61
N ASP A 5 -11.03 -5.68 1.74
CA ASP A 5 -11.33 -4.40 1.11
C ASP A 5 -10.13 -3.90 0.29
N GLY A 6 -8.93 -4.01 0.87
CA GLY A 6 -7.71 -3.58 0.18
C GLY A 6 -7.25 -2.20 0.64
N LYS A 7 -6.17 -2.17 1.42
CA LYS A 7 -5.61 -0.92 1.93
C LYS A 7 -4.40 -0.48 1.09
N CYS A 8 -3.49 -1.42 0.83
CA CYS A 8 -2.30 -1.15 0.04
C CYS A 8 -2.25 -1.98 -1.27
N PRO A 9 -2.60 -3.32 -1.26
CA PRO A 9 -2.56 -4.15 -2.49
C PRO A 9 -3.71 -3.84 -3.49
N SER A 10 -4.16 -2.58 -3.49
CA SER A 10 -5.23 -2.14 -4.40
C SER A 10 -4.70 -1.07 -5.36
N GLY A 11 -3.92 -0.13 -4.80
CA GLY A 11 -3.33 0.94 -5.59
C GLY A 11 -2.19 1.63 -4.86
N ARG A 12 -1.40 0.81 -4.13
CA ARG A 12 -0.26 1.30 -3.36
C ARG A 12 0.96 0.41 -3.56
N VAL A 13 2.16 0.96 -3.31
CA VAL A 13 3.42 0.23 -3.46
C VAL A 13 3.99 -0.17 -2.09
N ARG A 14 4.73 -1.28 -2.07
CA ARG A 14 5.36 -1.78 -0.84
C ARG A 14 6.85 -2.01 -1.06
N ARG A 15 7.66 -1.47 -0.13
CA ARG A 15 9.14 -1.60 -0.20
C ARG A 15 9.77 -1.34 1.15
N LEU A 16 10.70 -2.23 1.57
CA LEU A 16 11.44 -2.14 2.86
C LEU A 16 10.53 -2.20 4.11
N GLY A 17 9.22 -2.35 3.89
CA GLY A 17 8.28 -2.43 5.00
C GLY A 17 7.44 -1.16 5.15
N ILE A 18 7.60 -0.22 4.22
CA ILE A 18 6.86 1.06 4.24
C ILE A 18 5.96 1.18 3.01
N CYS A 19 4.67 1.45 3.26
CA CYS A 19 3.69 1.59 2.19
C CYS A 19 3.30 3.06 1.99
N VAL A 20 3.39 3.52 0.74
CA VAL A 20 3.07 4.91 0.39
C VAL A 20 2.35 5.00 -0.98
N PRO A 21 1.54 6.07 -1.24
CA PRO A 21 0.82 6.24 -2.52
C PRO A 21 1.72 6.79 -3.64
N ASP A 22 1.30 6.54 -4.89
CA ASP A 22 2.04 7.01 -6.06
C ASP A 22 1.09 7.57 -7.12
N ASP A 23 1.16 8.89 -7.33
CA ASP A 23 0.30 9.57 -8.32
C ASP A 23 1.12 10.51 -9.22
N ASP A 24 2.05 11.25 -8.60
CA ASP A 24 2.90 12.20 -9.34
C ASP A 24 4.39 11.92 -9.08
N TYR A 25 4.76 11.77 -7.80
CA TYR A 25 6.14 11.50 -7.41
C TYR A 25 6.20 10.37 -6.38
N PHE A 1 -13.12 -15.75 0.48
CA PHE A 1 -12.54 -14.48 0.97
C PHE A 1 -13.37 -13.28 0.52
N GLY A 2 -13.66 -12.38 1.45
CA GLY A 2 -14.45 -11.20 1.16
C GLY A 2 -13.59 -9.94 1.04
N VAL A 3 -14.07 -8.86 1.65
CA VAL A 3 -13.37 -7.57 1.63
C VAL A 3 -13.50 -6.86 2.99
N LYS A 4 -12.36 -6.70 3.68
CA LYS A 4 -12.32 -6.04 4.98
C LYS A 4 -11.50 -4.75 4.91
N ASP A 5 -10.32 -4.82 4.27
CA ASP A 5 -9.43 -3.68 4.12
C ASP A 5 -8.99 -3.52 2.67
N GLY A 6 -9.11 -2.29 2.15
CA GLY A 6 -8.72 -2.01 0.78
C GLY A 6 -8.26 -0.58 0.59
N LYS A 7 -7.02 -0.31 1.00
CA LYS A 7 -6.43 1.03 0.88
C LYS A 7 -5.05 0.96 0.22
N CYS A 8 -4.21 0.00 0.67
CA CYS A 8 -2.87 -0.18 0.14
C CYS A 8 -2.76 -1.42 -0.78
N PRO A 9 -3.34 -2.61 -0.41
CA PRO A 9 -3.25 -3.83 -1.24
C PRO A 9 -4.19 -3.81 -2.47
N SER A 10 -4.46 -2.60 -3.00
CA SER A 10 -5.32 -2.43 -4.16
C SER A 10 -4.50 -1.96 -5.37
N GLY A 11 -3.56 -1.05 -5.13
CA GLY A 11 -2.71 -0.51 -6.18
C GLY A 11 -1.69 0.47 -5.64
N ARG A 12 -0.99 0.05 -4.58
CA ARG A 12 0.03 0.87 -3.93
C ARG A 12 1.41 0.21 -4.00
N VAL A 13 2.45 1.01 -3.76
CA VAL A 13 3.84 0.53 -3.79
C VAL A 13 4.28 0.03 -2.40
N ARG A 14 5.18 -0.97 -2.39
CA ARG A 14 5.69 -1.54 -1.15
C ARG A 14 7.22 -1.61 -1.17
N ARG A 15 7.85 -0.78 -0.35
CA ARG A 15 9.31 -0.72 -0.24
C ARG A 15 9.75 -0.64 1.22
N LEU A 16 10.78 -1.44 1.57
CA LEU A 16 11.34 -1.50 2.95
C LEU A 16 10.34 -2.04 3.99
N GLY A 17 9.21 -2.59 3.51
CA GLY A 17 8.20 -3.13 4.39
C GLY A 17 7.16 -2.10 4.83
N ILE A 18 7.04 -1.01 4.05
CA ILE A 18 6.09 0.07 4.36
C ILE A 18 5.36 0.53 3.10
N CYS A 19 4.10 0.94 3.28
CA CYS A 19 3.27 1.41 2.18
C CYS A 19 3.28 2.93 2.09
N VAL A 20 3.39 3.45 0.86
CA VAL A 20 3.42 4.90 0.62
C VAL A 20 2.60 5.28 -0.64
N PRO A 21 2.13 6.56 -0.78
CA PRO A 21 1.35 7.00 -1.96
C PRO A 21 2.22 7.19 -3.20
N ASP A 22 1.58 7.15 -4.37
CA ASP A 22 2.27 7.32 -5.65
C ASP A 22 1.72 8.54 -6.40
N ASP A 23 2.56 9.57 -6.55
CA ASP A 23 2.17 10.79 -7.24
C ASP A 23 2.70 10.80 -8.68
N ASP A 24 3.96 10.38 -8.85
CA ASP A 24 4.59 10.33 -10.17
C ASP A 24 5.18 8.94 -10.45
N TYR A 25 5.88 8.39 -9.45
CA TYR A 25 6.50 7.07 -9.57
C TYR A 25 6.06 6.15 -8.42
N PHE A 1 7.39 -10.66 1.62
CA PHE A 1 6.36 -9.66 2.01
C PHE A 1 5.56 -10.13 3.21
N GLY A 2 5.10 -9.19 4.04
CA GLY A 2 4.32 -9.51 5.22
C GLY A 2 3.08 -8.64 5.35
N VAL A 3 1.91 -9.28 5.31
CA VAL A 3 0.63 -8.59 5.42
C VAL A 3 -0.37 -9.42 6.22
N LYS A 4 -0.73 -8.91 7.40
CA LYS A 4 -1.68 -9.58 8.29
C LYS A 4 -3.05 -8.88 8.27
N ASP A 5 -3.02 -7.55 8.34
CA ASP A 5 -4.24 -6.73 8.33
C ASP A 5 -4.51 -6.17 6.94
N GLY A 6 -3.49 -5.55 6.33
CA GLY A 6 -3.63 -4.96 5.01
C GLY A 6 -3.98 -3.49 5.05
N LYS A 7 -3.00 -2.64 4.71
CA LYS A 7 -3.18 -1.19 4.71
C LYS A 7 -3.54 -0.68 3.31
N CYS A 8 -2.87 -1.22 2.30
CA CYS A 8 -3.11 -0.83 0.90
C CYS A 8 -3.72 -1.99 0.10
N PRO A 9 -5.02 -1.89 -0.32
CA PRO A 9 -5.68 -2.95 -1.07
C PRO A 9 -5.43 -2.88 -2.60
N SER A 10 -4.27 -3.46 -3.02
CA SER A 10 -3.86 -3.51 -4.44
C SER A 10 -3.82 -2.13 -5.10
N GLY A 11 -2.61 -1.57 -5.19
CA GLY A 11 -2.43 -0.27 -5.81
C GLY A 11 -1.20 0.45 -5.30
N ARG A 12 -1.10 0.58 -3.97
CA ARG A 12 0.04 1.25 -3.33
C ARG A 12 1.06 0.22 -2.85
N VAL A 13 2.30 0.35 -3.36
CA VAL A 13 3.39 -0.57 -3.01
C VAL A 13 4.75 0.17 -2.97
N ARG A 14 5.47 0.01 -1.84
CA ARG A 14 6.78 0.62 -1.66
C ARG A 14 7.76 -0.38 -1.01
N ARG A 15 8.99 0.09 -0.75
CA ARG A 15 10.07 -0.73 -0.19
C ARG A 15 10.03 -0.74 1.34
N LEU A 16 10.92 -1.56 1.96
CA LEU A 16 11.04 -1.72 3.43
C LEU A 16 9.87 -2.51 4.01
N GLY A 17 8.79 -2.64 3.24
CA GLY A 17 7.62 -3.38 3.69
C GLY A 17 6.39 -2.51 3.83
N ILE A 18 6.59 -1.19 3.78
CA ILE A 18 5.48 -0.22 3.90
C ILE A 18 5.11 0.35 2.53
N CYS A 19 3.81 0.54 2.32
CA CYS A 19 3.29 1.09 1.06
C CYS A 19 2.81 2.51 1.25
N VAL A 20 3.32 3.41 0.40
CA VAL A 20 2.96 4.83 0.44
C VAL A 20 2.95 5.45 -0.97
N PRO A 21 2.28 6.63 -1.20
CA PRO A 21 2.22 7.27 -2.53
C PRO A 21 3.54 7.95 -2.92
N ASP A 22 3.96 7.74 -4.18
CA ASP A 22 5.20 8.32 -4.70
C ASP A 22 4.93 9.55 -5.58
N ASP A 23 3.66 9.76 -5.94
CA ASP A 23 3.27 10.90 -6.78
C ASP A 23 2.84 12.10 -5.94
N ASP A 24 2.18 11.84 -4.81
CA ASP A 24 1.71 12.89 -3.90
C ASP A 24 2.78 13.27 -2.87
N TYR A 25 3.48 12.26 -2.34
CA TYR A 25 4.54 12.48 -1.35
C TYR A 25 5.92 12.40 -2.02
#